data_2JLR
#
_entry.id   2JLR
#
_cell.length_a   52.632
_cell.length_b   88.678
_cell.length_c   54.698
_cell.angle_alpha   90.00
_cell.angle_beta   105.90
_cell.angle_gamma   90.00
#
_symmetry.space_group_name_H-M   'P 1 21 1'
#
loop_
_entity.id
_entity.type
_entity.pdbx_description
1 polymer 'SERINE PROTEASE SUBUNIT NS3'
2 non-polymer 'MANGANESE (II) ION'
3 non-polymer 'PHOSPHOAMINOPHOSPHONIC ACID-ADENYLATE ESTER'
4 water water
#
_entity_poly.entity_id   1
_entity_poly.type   'polypeptide(L)'
_entity_poly.pdbx_seq_one_letter_code
;GSAMGEPDYEVDEDIFRKKRLTIMDLHPGAGKTKRILPSIVREALKRRLRTLILAPTRVVAAEMEEALRGLPIRYQTPAV
KSDHTGREIVDLMCHATFTTRLLSSTRVPNYNLIVMDEAHFTDPCSVAARGYISTRVEMGEAAAIFMTATPPGSTDPFPQ
SNSPIEDIEREIPERSWNTGFDWITDYQGKTVWFVPSIKAGNDIANCLRKSGKRVIQLSRKTFDTEYPKTKLTDWDFVVT
TDISEMGANFRAGRVIDPRRCLKPVILTDGPERVILAGPIPVTPASAAQRRGRIGRNPAQEDDQYVFSGDPLRNDEDHAH
WTEAKMLLDNIYTPEGIIPTLFGPEREKTQAIDGEFRLKGEQRKTFVELMRRGDLPVWLSYKVASAGISYKDREWCFTGE
RNNQILEENMEVEIWTREGEKKKLRPKWLDARVYADPMALKDFKEFASGRK
;
_entity_poly.pdbx_strand_id   A
#
loop_
_chem_comp.id
_chem_comp.type
_chem_comp.name
_chem_comp.formula
ANP non-polymer 'PHOSPHOAMINOPHOSPHONIC ACID-ADENYLATE ESTER' 'C10 H17 N6 O12 P3'
MN non-polymer 'MANGANESE (II) ION' 'Mn 2'
#
# COMPACT_ATOMS: atom_id res chain seq x y z
N GLU A 13 -20.39 4.21 -20.71
CA GLU A 13 -21.58 3.84 -21.53
C GLU A 13 -22.18 2.52 -21.07
N ASP A 14 -21.58 1.42 -21.49
CA ASP A 14 -21.87 0.11 -20.92
C ASP A 14 -21.13 -0.08 -19.59
N ILE A 15 -20.20 0.84 -19.29
CA ILE A 15 -19.36 0.70 -18.11
C ILE A 15 -20.14 0.90 -16.82
N PHE A 16 -21.34 1.48 -16.93
CA PHE A 16 -22.17 1.75 -15.77
C PHE A 16 -23.15 0.61 -15.50
N ARG A 17 -23.18 -0.37 -16.40
CA ARG A 17 -24.09 -1.49 -16.29
C ARG A 17 -23.62 -2.49 -15.23
N LYS A 18 -24.53 -2.89 -14.35
CA LYS A 18 -24.23 -3.85 -13.29
C LYS A 18 -23.71 -5.17 -13.85
N LYS A 19 -22.75 -5.76 -13.15
CA LYS A 19 -22.11 -6.99 -13.59
C LYS A 19 -20.97 -6.76 -14.57
N ARG A 20 -20.68 -5.50 -14.86
CA ARG A 20 -19.50 -5.14 -15.64
C ARG A 20 -18.36 -4.67 -14.75
N LEU A 21 -17.19 -5.29 -14.91
CA LEU A 21 -15.97 -4.84 -14.26
C LEU A 21 -14.96 -4.38 -15.30
N THR A 22 -14.75 -3.07 -15.37
CA THR A 22 -13.89 -2.48 -16.40
C THR A 22 -12.47 -2.26 -15.87
N ILE A 23 -11.49 -2.76 -16.62
CA ILE A 23 -10.09 -2.43 -16.36
C ILE A 23 -9.62 -1.32 -17.29
N MET A 24 -9.53 -0.11 -16.75
CA MET A 24 -8.99 1.03 -17.51
CA MET A 24 -9.00 1.03 -17.50
C MET A 24 -7.48 1.10 -17.37
N ASP A 25 -6.78 0.61 -18.39
CA ASP A 25 -5.34 0.38 -18.30
C ASP A 25 -4.54 1.29 -19.24
N LEU A 26 -4.98 2.54 -19.37
CA LEU A 26 -4.25 3.52 -20.15
C LEU A 26 -2.89 3.82 -19.52
N HIS A 27 -1.91 4.17 -20.35
CA HIS A 27 -0.53 4.33 -19.91
C HIS A 27 -0.40 5.40 -18.83
N PRO A 28 0.69 5.35 -18.05
CA PRO A 28 0.94 6.36 -17.02
C PRO A 28 0.98 7.76 -17.61
N GLY A 29 0.31 8.71 -16.96
CA GLY A 29 0.26 10.09 -17.43
C GLY A 29 -0.89 10.36 -18.39
N ALA A 30 -1.63 9.31 -18.74
CA ALA A 30 -2.67 9.42 -19.77
C ALA A 30 -3.82 10.33 -19.35
N GLY A 31 -4.08 10.39 -18.04
CA GLY A 31 -5.07 11.30 -17.49
C GLY A 31 -6.23 10.58 -16.82
N LYS A 32 -6.02 9.33 -16.44
CA LYS A 32 -7.07 8.53 -15.81
C LYS A 32 -7.61 9.20 -14.55
N THR A 33 -6.70 9.61 -13.67
CA THR A 33 -7.08 10.24 -12.40
C THR A 33 -7.70 11.63 -12.58
N LYS A 34 -7.07 12.47 -13.41
CA LYS A 34 -7.31 13.91 -13.36
C LYS A 34 -8.30 14.42 -14.43
N ARG A 35 -8.54 13.61 -15.46
CA ARG A 35 -9.50 14.00 -16.49
C ARG A 35 -10.61 12.96 -16.72
N ILE A 36 -10.25 11.69 -16.73
CA ILE A 36 -11.20 10.63 -17.05
C ILE A 36 -12.14 10.31 -15.88
N LEU A 37 -11.58 10.22 -14.68
CA LEU A 37 -12.37 9.94 -13.48
C LEU A 37 -13.45 11.00 -13.22
N PRO A 38 -13.08 12.28 -13.33
CA PRO A 38 -14.04 13.37 -13.17
C PRO A 38 -15.23 13.23 -14.14
N SER A 39 -14.95 12.90 -15.39
CA SER A 39 -16.01 12.65 -16.37
C SER A 39 -16.94 11.53 -15.91
N ILE A 40 -16.34 10.43 -15.47
CA ILE A 40 -17.11 9.27 -15.00
C ILE A 40 -18.03 9.65 -13.84
N VAL A 41 -17.52 10.47 -12.92
CA VAL A 41 -18.28 10.90 -11.76
C VAL A 41 -19.45 11.82 -12.15
N ARG A 42 -19.19 12.76 -13.07
CA ARG A 42 -20.23 13.65 -13.56
C ARG A 42 -21.35 12.87 -14.24
N GLU A 43 -20.99 11.77 -14.90
CA GLU A 43 -21.95 10.94 -15.62
C GLU A 43 -22.69 10.01 -14.67
N ALA A 44 -21.98 9.52 -13.65
CA ALA A 44 -22.59 8.72 -12.59
C ALA A 44 -23.64 9.53 -11.84
N LEU A 45 -23.34 10.81 -11.61
CA LEU A 45 -24.28 11.74 -10.98
C LEU A 45 -25.52 11.96 -11.84
N LYS A 46 -25.31 12.08 -13.14
CA LYS A 46 -26.42 12.22 -14.09
C LYS A 46 -27.37 11.03 -14.02
N ARG A 47 -26.80 9.85 -13.84
CA ARG A 47 -27.58 8.61 -13.81
C ARG A 47 -28.06 8.29 -12.39
N ARG A 48 -27.76 9.18 -11.46
CA ARG A 48 -28.23 9.05 -10.08
C ARG A 48 -27.73 7.77 -9.42
N LEU A 49 -26.51 7.38 -9.74
CA LEU A 49 -25.91 6.17 -9.19
C LEU A 49 -25.28 6.44 -7.83
N ARG A 50 -25.29 5.42 -6.96
CA ARG A 50 -24.62 5.52 -5.67
C ARG A 50 -23.13 5.19 -5.81
N THR A 51 -22.30 6.23 -5.81
CA THR A 51 -20.94 6.13 -6.31
C THR A 51 -19.92 6.12 -5.17
N LEU A 52 -18.98 5.19 -5.25
CA LEU A 52 -17.83 5.15 -4.34
C LEU A 52 -16.53 5.32 -5.11
N ILE A 53 -15.70 6.26 -4.69
CA ILE A 53 -14.36 6.43 -5.24
CA ILE A 53 -14.36 6.43 -5.24
C ILE A 53 -13.31 6.04 -4.21
N LEU A 54 -12.35 5.21 -4.64
CA LEU A 54 -11.31 4.72 -3.74
C LEU A 54 -9.92 5.21 -4.14
N ALA A 55 -9.24 5.86 -3.19
CA ALA A 55 -7.90 6.39 -3.41
C ALA A 55 -6.88 5.62 -2.59
N PRO A 56 -5.67 5.44 -3.13
CA PRO A 56 -4.64 4.62 -2.47
C PRO A 56 -4.24 5.19 -1.11
N THR A 57 -4.13 6.51 -1.02
CA THR A 57 -3.70 7.17 0.21
C THR A 57 -4.51 8.43 0.45
N ARG A 58 -4.41 8.99 1.66
CA ARG A 58 -5.18 10.16 2.04
C ARG A 58 -4.83 11.39 1.20
N VAL A 59 -3.53 11.61 0.98
CA VAL A 59 -3.09 12.80 0.26
C VAL A 59 -3.44 12.75 -1.22
N VAL A 60 -3.56 11.54 -1.76
CA VAL A 60 -4.04 11.35 -3.13
C VAL A 60 -5.55 11.59 -3.23
N ALA A 61 -6.28 11.11 -2.23
CA ALA A 61 -7.70 11.45 -2.08
C ALA A 61 -7.90 12.97 -2.03
N ALA A 62 -7.03 13.66 -1.31
CA ALA A 62 -7.05 15.11 -1.24
C ALA A 62 -6.83 15.75 -2.61
N GLU A 63 -5.97 15.12 -3.41
CA GLU A 63 -5.73 15.58 -4.78
C GLU A 63 -6.89 15.23 -5.71
N MET A 64 -7.59 14.15 -5.40
CA MET A 64 -8.73 13.72 -6.19
C MET A 64 -9.91 14.67 -6.03
N GLU A 65 -10.12 15.17 -4.81
CA GLU A 65 -11.27 16.01 -4.52
C GLU A 65 -11.02 17.48 -4.82
N GLU A 66 -9.88 17.78 -5.42
CA GLU A 66 -9.65 19.08 -6.06
C GLU A 66 -9.91 18.99 -7.57
N ALA A 67 -9.65 17.82 -8.14
CA ALA A 67 -10.05 17.52 -9.51
C ALA A 67 -11.57 17.40 -9.61
N LEU A 68 -12.22 17.25 -8.47
CA LEU A 68 -13.67 17.13 -8.41
C LEU A 68 -14.29 18.28 -7.62
N ARG A 69 -13.70 19.47 -7.75
CA ARG A 69 -13.98 20.57 -6.83
C ARG A 69 -15.41 21.10 -6.95
N GLY A 70 -16.00 20.95 -8.13
CA GLY A 70 -17.36 21.43 -8.38
C GLY A 70 -18.43 20.47 -7.88
N LEU A 71 -18.03 19.23 -7.66
CA LEU A 71 -18.99 18.14 -7.44
C LEU A 71 -19.17 17.83 -5.95
N PRO A 72 -20.32 17.25 -5.59
CA PRO A 72 -20.62 16.92 -4.20
C PRO A 72 -19.78 15.73 -3.71
N ILE A 73 -18.50 15.98 -3.45
CA ILE A 73 -17.62 14.95 -2.91
C ILE A 73 -17.60 15.00 -1.39
N ARG A 74 -17.71 13.82 -0.77
CA ARG A 74 -17.59 13.71 0.68
C ARG A 74 -16.50 12.71 1.03
N TYR A 75 -15.37 13.22 1.51
CA TYR A 75 -14.31 12.37 2.02
C TYR A 75 -14.75 11.62 3.28
N GLN A 76 -14.42 10.34 3.35
CA GLN A 76 -14.79 9.51 4.48
C GLN A 76 -13.56 9.04 5.26
N THR A 77 -13.46 9.48 6.51
CA THR A 77 -12.45 8.99 7.44
C THR A 77 -12.76 7.57 7.89
N PRO A 78 -11.73 6.77 8.20
CA PRO A 78 -11.92 5.45 8.77
C PRO A 78 -12.26 5.48 10.26
N ALA A 79 -12.21 6.67 10.86
CA ALA A 79 -12.69 6.87 12.22
C ALA A 79 -14.22 6.75 12.28
N VAL A 80 -14.85 6.92 11.12
CA VAL A 80 -16.29 6.71 10.98
C VAL A 80 -16.56 5.41 10.22
N LYS A 81 -17.50 4.61 10.71
CA LYS A 81 -17.77 3.29 10.13
C LYS A 81 -18.78 3.35 9.00
N SER A 82 -19.74 4.26 9.10
CA SER A 82 -20.62 4.59 8.00
C SER A 82 -21.13 6.02 8.10
N ASP A 83 -21.46 6.60 6.96
CA ASP A 83 -21.99 7.95 6.90
C ASP A 83 -23.02 8.07 5.79
N HIS A 84 -24.29 8.04 6.17
CA HIS A 84 -25.40 8.11 5.22
C HIS A 84 -26.14 9.44 5.39
N THR A 85 -26.04 10.30 4.38
CA THR A 85 -26.60 11.64 4.47
C THR A 85 -28.02 11.71 3.88
N GLY A 86 -28.34 10.74 3.03
CA GLY A 86 -29.64 10.71 2.37
C GLY A 86 -29.73 11.66 1.20
N ARG A 87 -28.62 12.30 0.86
CA ARG A 87 -28.55 13.18 -0.29
C ARG A 87 -27.78 12.54 -1.44
N GLU A 88 -27.83 13.17 -2.61
CA GLU A 88 -26.98 12.79 -3.72
C GLU A 88 -25.54 13.19 -3.47
N ILE A 89 -24.70 12.22 -3.10
CA ILE A 89 -23.31 12.50 -2.77
C ILE A 89 -22.41 11.36 -3.24
N VAL A 90 -21.19 11.72 -3.63
CA VAL A 90 -20.19 10.75 -4.03
C VAL A 90 -19.19 10.53 -2.90
N ASP A 91 -19.12 9.31 -2.40
CA ASP A 91 -18.21 8.99 -1.31
C ASP A 91 -16.79 8.79 -1.81
N LEU A 92 -15.83 9.39 -1.12
CA LEU A 92 -14.41 9.24 -1.47
C LEU A 92 -13.61 8.81 -0.24
N MET A 93 -12.90 7.69 -0.37
CA MET A 93 -12.13 7.14 0.74
C MET A 93 -10.91 6.36 0.26
N CYS A 94 -9.99 6.08 1.19
CA CYS A 94 -8.84 5.24 0.89
C CYS A 94 -9.26 3.80 0.69
N HIS A 95 -8.47 3.05 -0.06
CA HIS A 95 -8.64 1.59 -0.17
C HIS A 95 -8.85 0.96 1.19
N ALA A 96 -7.97 1.26 2.14
CA ALA A 96 -7.96 0.62 3.45
C ALA A 96 -9.19 1.00 4.28
N THR A 97 -9.62 2.25 4.17
CA THR A 97 -10.82 2.71 4.83
C THR A 97 -12.03 1.84 4.44
N PHE A 98 -12.14 1.53 3.16
CA PHE A 98 -13.24 0.72 2.66
C PHE A 98 -13.24 -0.67 3.28
N THR A 99 -12.07 -1.32 3.29
CA THR A 99 -11.95 -2.67 3.86
C THR A 99 -12.13 -2.65 5.38
N THR A 100 -11.65 -1.59 6.02
CA THR A 100 -11.84 -1.42 7.45
C THR A 100 -13.31 -1.25 7.81
N ARG A 101 -14.05 -0.52 6.98
CA ARG A 101 -15.49 -0.33 7.18
C ARG A 101 -16.26 -1.63 6.97
N LEU A 102 -15.84 -2.42 5.99
CA LEU A 102 -16.47 -3.71 5.73
C LEU A 102 -16.28 -4.69 6.88
N LEU A 103 -15.22 -4.49 7.66
CA LEU A 103 -14.88 -5.38 8.76
C LEU A 103 -15.61 -5.03 10.05
N SER A 104 -16.02 -3.77 10.18
CA SER A 104 -16.53 -3.27 11.45
C SER A 104 -17.95 -2.71 11.38
N SER A 105 -18.43 -2.43 10.17
CA SER A 105 -19.78 -1.91 9.98
C SER A 105 -20.71 -2.96 9.36
N THR A 106 -22.01 -2.79 9.57
CA THR A 106 -23.02 -3.49 8.78
C THR A 106 -23.64 -2.54 7.75
N ARG A 107 -23.55 -1.25 8.01
CA ARG A 107 -24.28 -0.25 7.24
C ARG A 107 -23.49 0.27 6.04
N VAL A 108 -22.53 -0.54 5.57
CA VAL A 108 -21.85 -0.25 4.30
C VAL A 108 -22.86 -0.24 3.16
N PRO A 109 -22.99 0.91 2.48
CA PRO A 109 -24.00 1.11 1.45
C PRO A 109 -23.88 0.11 0.31
N ASN A 110 -24.97 -0.10 -0.41
CA ASN A 110 -24.93 -0.85 -1.66
C ASN A 110 -24.58 0.05 -2.85
N TYR A 111 -23.34 0.55 -2.86
CA TYR A 111 -22.80 1.25 -4.01
C TYR A 111 -23.01 0.43 -5.28
N ASN A 112 -23.61 1.04 -6.29
CA ASN A 112 -23.80 0.37 -7.58
C ASN A 112 -22.80 0.82 -8.65
N LEU A 113 -21.95 1.78 -8.29
CA LEU A 113 -20.75 2.07 -9.06
C LEU A 113 -19.54 2.30 -8.16
N ILE A 114 -18.48 1.55 -8.37
CA ILE A 114 -17.28 1.64 -7.54
C ILE A 114 -16.03 1.79 -8.40
N VAL A 115 -15.34 2.92 -8.25
CA VAL A 115 -14.08 3.15 -8.95
C VAL A 115 -12.91 3.02 -7.98
N MET A 116 -12.02 2.06 -8.24
CA MET A 116 -10.71 2.05 -7.59
C MET A 116 -9.64 2.67 -8.47
N ASP A 117 -9.14 3.83 -8.05
CA ASP A 117 -7.97 4.43 -8.68
C ASP A 117 -6.68 3.80 -8.16
N GLU A 118 -5.69 3.70 -9.03
CA GLU A 118 -4.42 3.03 -8.72
C GLU A 118 -4.65 1.61 -8.20
N ALA A 119 -5.34 0.82 -9.01
CA ALA A 119 -5.81 -0.51 -8.60
C ALA A 119 -4.72 -1.58 -8.70
N HIS A 120 -3.48 -1.14 -8.88
CA HIS A 120 -2.32 -2.04 -8.83
C HIS A 120 -1.74 -2.15 -7.42
N PHE A 121 -2.19 -1.27 -6.52
CA PHE A 121 -1.77 -1.30 -5.12
C PHE A 121 -1.89 -2.71 -4.56
N THR A 122 -0.76 -3.27 -4.10
CA THR A 122 -0.75 -4.66 -3.63
C THR A 122 -0.78 -4.79 -2.10
N ASP A 123 -1.02 -3.68 -1.42
CA ASP A 123 -1.26 -3.74 0.03
C ASP A 123 -2.50 -4.58 0.33
N PRO A 124 -2.42 -5.44 1.35
CA PRO A 124 -3.44 -6.47 1.58
C PRO A 124 -4.87 -5.92 1.60
N CYS A 125 -5.06 -4.73 2.17
N CYS A 125 -5.05 -4.73 2.17
CA CYS A 125 -6.39 -4.13 2.23
CA CYS A 125 -6.37 -4.11 2.23
C CYS A 125 -6.90 -3.74 0.84
C CYS A 125 -6.90 -3.73 0.84
N SER A 126 -5.97 -3.40 -0.06
CA SER A 126 -6.34 -3.06 -1.43
CA SER A 126 -6.33 -3.06 -1.44
C SER A 126 -6.66 -4.30 -2.26
N VAL A 127 -5.86 -5.34 -2.10
CA VAL A 127 -6.15 -6.63 -2.73
C VAL A 127 -7.50 -7.15 -2.25
N ALA A 128 -7.73 -7.06 -0.93
CA ALA A 128 -9.00 -7.48 -0.35
C ALA A 128 -10.18 -6.68 -0.89
N ALA A 129 -10.00 -5.39 -1.06
CA ALA A 129 -11.05 -4.53 -1.59
C ALA A 129 -11.46 -4.94 -3.00
N ARG A 130 -10.48 -5.21 -3.85
CA ARG A 130 -10.74 -5.65 -5.23
C ARG A 130 -11.52 -6.96 -5.26
N GLY A 131 -11.13 -7.88 -4.38
CA GLY A 131 -11.84 -9.16 -4.25
C GLY A 131 -13.30 -8.94 -3.91
N TYR A 132 -13.54 -8.13 -2.88
CA TYR A 132 -14.91 -7.79 -2.47
C TYR A 132 -15.70 -7.17 -3.62
N ILE A 133 -15.10 -6.18 -4.29
CA ILE A 133 -15.80 -5.41 -5.31
C ILE A 133 -16.16 -6.27 -6.52
N SER A 134 -15.22 -7.09 -6.96
CA SER A 134 -15.46 -8.03 -8.05
C SER A 134 -16.66 -8.93 -7.78
N THR A 135 -16.81 -9.35 -6.52
CA THR A 135 -17.90 -10.22 -6.12
C THR A 135 -19.24 -9.49 -6.10
N ARG A 136 -19.23 -8.26 -5.58
CA ARG A 136 -20.40 -7.39 -5.66
C ARG A 136 -20.86 -7.22 -7.11
N VAL A 137 -19.90 -6.95 -7.99
CA VAL A 137 -20.18 -6.83 -9.42
C VAL A 137 -20.79 -8.12 -9.99
N GLU A 138 -20.16 -9.25 -9.69
CA GLU A 138 -20.62 -10.54 -10.17
C GLU A 138 -22.04 -10.88 -9.67
N MET A 139 -22.39 -10.34 -8.51
CA MET A 139 -23.73 -10.55 -7.93
C MET A 139 -24.80 -9.77 -8.67
N GLY A 140 -24.37 -8.80 -9.48
CA GLY A 140 -25.30 -7.91 -10.18
C GLY A 140 -25.72 -6.72 -9.35
N GLU A 141 -24.95 -6.43 -8.31
CA GLU A 141 -25.28 -5.36 -7.38
C GLU A 141 -24.55 -4.06 -7.73
N ALA A 142 -23.50 -4.18 -8.55
CA ALA A 142 -22.64 -3.05 -8.85
C ALA A 142 -21.99 -3.18 -10.23
N ALA A 143 -21.68 -2.04 -10.83
CA ALA A 143 -20.63 -1.97 -11.84
C ALA A 143 -19.36 -1.39 -11.21
N ALA A 144 -18.20 -1.80 -11.74
CA ALA A 144 -16.92 -1.42 -11.14
C ALA A 144 -15.89 -1.02 -12.18
N ILE A 145 -15.05 -0.05 -11.83
CA ILE A 145 -13.95 0.38 -12.68
C ILE A 145 -12.64 0.36 -11.90
N PHE A 146 -11.71 -0.49 -12.33
CA PHE A 146 -10.35 -0.46 -11.80
C PHE A 146 -9.43 0.33 -12.71
N MET A 147 -8.87 1.42 -12.18
CA MET A 147 -7.99 2.28 -12.97
C MET A 147 -6.53 2.06 -12.62
N THR A 148 -5.75 1.63 -13.60
CA THR A 148 -4.33 1.41 -13.40
C THR A 148 -3.59 1.14 -14.72
N ALA A 149 -2.44 1.78 -14.87
CA ALA A 149 -1.57 1.54 -16.02
C ALA A 149 -0.99 0.13 -15.99
N THR A 150 -1.05 -0.51 -14.82
CA THR A 150 -0.44 -1.82 -14.63
C THR A 150 -1.36 -2.80 -13.90
N PRO A 151 -2.35 -3.36 -14.61
CA PRO A 151 -3.21 -4.41 -14.08
C PRO A 151 -2.44 -5.70 -13.86
N PRO A 152 -3.05 -6.67 -13.15
CA PRO A 152 -2.43 -7.98 -12.93
C PRO A 152 -1.90 -8.60 -14.23
N GLY A 153 -0.69 -9.15 -14.15
CA GLY A 153 -0.10 -9.83 -15.30
C GLY A 153 0.74 -8.91 -16.17
N SER A 154 0.87 -7.65 -15.77
CA SER A 154 1.64 -6.67 -16.53
C SER A 154 3.12 -7.06 -16.61
N THR A 155 3.69 -6.96 -17.81
CA THR A 155 5.04 -7.44 -18.04
C THR A 155 5.94 -6.43 -18.78
N ASP A 156 5.37 -5.29 -19.16
CA ASP A 156 6.12 -4.29 -19.92
C ASP A 156 6.62 -3.17 -19.02
N PRO A 157 7.94 -3.17 -18.75
CA PRO A 157 8.55 -2.18 -17.86
C PRO A 157 8.68 -0.81 -18.51
N PHE A 158 8.50 -0.74 -19.82
CA PHE A 158 8.75 0.49 -20.57
C PHE A 158 7.53 0.92 -21.38
N PRO A 159 6.40 1.16 -20.71
CA PRO A 159 5.18 1.54 -21.42
C PRO A 159 5.29 2.95 -22.02
N GLN A 160 4.32 3.30 -22.85
CA GLN A 160 4.31 4.61 -23.49
C GLN A 160 4.03 5.72 -22.48
N SER A 161 4.34 6.95 -22.86
CA SER A 161 4.32 8.08 -21.95
C SER A 161 4.01 9.36 -22.72
N ASN A 162 3.63 10.42 -21.99
CA ASN A 162 3.24 11.68 -22.61
C ASN A 162 4.38 12.33 -23.40
N SER A 163 5.58 12.28 -22.84
CA SER A 163 6.77 12.72 -23.54
C SER A 163 7.87 11.67 -23.48
N PRO A 164 8.87 11.79 -24.38
CA PRO A 164 9.95 10.81 -24.50
C PRO A 164 10.74 10.63 -23.21
N ILE A 165 11.09 9.38 -22.90
CA ILE A 165 11.95 9.07 -21.77
C ILE A 165 13.25 8.43 -22.23
N GLU A 166 14.37 8.90 -21.71
CA GLU A 166 15.65 8.24 -21.94
C GLU A 166 15.88 7.12 -20.93
N ASP A 167 15.84 5.89 -21.41
CA ASP A 167 16.04 4.73 -20.54
C ASP A 167 17.53 4.40 -20.44
N ILE A 168 18.12 4.72 -19.30
CA ILE A 168 19.57 4.58 -19.10
C ILE A 168 19.86 3.46 -18.11
N GLU A 169 20.51 2.40 -18.58
CA GLU A 169 20.86 1.26 -17.74
C GLU A 169 22.30 1.38 -17.25
N ARG A 170 22.47 1.48 -15.94
CA ARG A 170 23.81 1.63 -15.35
C ARG A 170 23.83 1.28 -13.87
N GLU A 171 25.03 1.14 -13.32
CA GLU A 171 25.21 0.80 -11.91
C GLU A 171 24.67 1.90 -11.00
N ILE A 172 23.97 1.49 -9.94
CA ILE A 172 23.41 2.42 -8.96
C ILE A 172 23.83 2.01 -7.55
N PRO A 173 24.35 2.96 -6.77
CA PRO A 173 24.83 2.66 -5.42
C PRO A 173 23.71 2.14 -4.51
N GLU A 174 24.02 1.12 -3.72
CA GLU A 174 23.06 0.54 -2.78
C GLU A 174 23.05 1.31 -1.47
N ARG A 175 24.14 2.02 -1.20
CA ARG A 175 24.32 2.73 0.07
C ARG A 175 25.17 3.97 -0.13
N SER A 176 25.65 4.54 0.97
CA SER A 176 26.56 5.68 0.93
C SER A 176 27.73 5.41 -0.02
N TRP A 177 28.08 6.43 -0.80
CA TRP A 177 29.24 6.33 -1.69
C TRP A 177 30.14 7.55 -1.53
N ASN A 178 31.34 7.48 -2.09
CA ASN A 178 32.29 8.57 -2.01
C ASN A 178 32.89 8.94 -3.36
N THR A 179 32.89 7.98 -4.28
CA THR A 179 33.47 8.18 -5.60
C THR A 179 32.79 7.31 -6.66
N GLY A 180 32.85 7.75 -7.90
CA GLY A 180 32.49 6.90 -9.04
C GLY A 180 31.05 7.04 -9.47
N PHE A 181 30.34 8.00 -8.89
CA PHE A 181 28.94 8.22 -9.22
C PHE A 181 28.64 9.72 -9.35
N ASP A 182 29.50 10.43 -10.07
CA ASP A 182 29.37 11.87 -10.24
C ASP A 182 28.06 12.24 -10.95
N TRP A 183 27.60 11.37 -11.82
CA TRP A 183 26.39 11.63 -12.60
C TRP A 183 25.16 11.85 -11.71
N ILE A 184 25.17 11.24 -10.54
CA ILE A 184 24.09 11.42 -9.56
C ILE A 184 23.99 12.87 -9.08
N THR A 185 25.12 13.44 -8.69
CA THR A 185 25.13 14.72 -7.99
C THR A 185 25.34 15.90 -8.94
N ASP A 186 25.90 15.62 -10.12
CA ASP A 186 26.15 16.65 -11.12
C ASP A 186 24.90 16.95 -11.94
N TYR A 187 23.91 16.08 -11.83
CA TYR A 187 22.63 16.28 -12.52
C TYR A 187 21.93 17.53 -11.99
N GLN A 188 21.30 18.27 -12.90
CA GLN A 188 20.92 19.65 -12.62
C GLN A 188 19.45 19.78 -12.22
N GLY A 189 18.66 18.79 -12.57
CA GLY A 189 17.21 18.82 -12.32
C GLY A 189 16.84 18.13 -11.03
N LYS A 190 15.55 17.79 -10.91
CA LYS A 190 15.05 17.10 -9.73
C LYS A 190 14.93 15.60 -9.98
N THR A 191 15.19 14.81 -8.95
CA THR A 191 15.28 13.36 -9.07
C THR A 191 14.39 12.67 -8.05
N VAL A 192 13.74 11.59 -8.48
CA VAL A 192 13.06 10.68 -7.56
C VAL A 192 13.78 9.33 -7.53
N TRP A 193 14.23 8.94 -6.34
CA TRP A 193 15.06 7.74 -6.18
C TRP A 193 14.31 6.68 -5.37
N PHE A 194 13.97 5.58 -6.02
CA PHE A 194 13.25 4.50 -5.37
C PHE A 194 14.21 3.54 -4.67
N VAL A 195 14.08 3.44 -3.34
CA VAL A 195 14.90 2.53 -2.55
C VAL A 195 14.07 1.37 -2.00
N PRO A 196 14.73 0.25 -1.67
CA PRO A 196 14.03 -0.97 -1.28
C PRO A 196 13.47 -0.90 0.15
N SER A 197 14.12 -0.11 1.01
CA SER A 197 13.73 -0.03 2.41
C SER A 197 13.94 1.36 2.98
N ILE A 198 13.38 1.60 4.18
CA ILE A 198 13.58 2.85 4.89
C ILE A 198 15.05 3.04 5.28
N LYS A 199 15.68 1.96 5.74
CA LYS A 199 17.09 1.99 6.12
C LYS A 199 17.97 2.38 4.93
N ALA A 200 17.78 1.70 3.80
CA ALA A 200 18.45 2.03 2.56
C ALA A 200 18.25 3.51 2.20
N GLY A 201 17.01 3.99 2.37
CA GLY A 201 16.69 5.39 2.09
C GLY A 201 17.36 6.36 3.05
N ASN A 202 17.39 5.99 4.33
CA ASN A 202 18.12 6.77 5.32
C ASN A 202 19.59 6.94 4.95
N ASP A 203 20.22 5.82 4.61
CA ASP A 203 21.62 5.83 4.16
C ASP A 203 21.82 6.77 2.97
N ILE A 204 21.05 6.55 1.91
CA ILE A 204 21.19 7.30 0.67
C ILE A 204 20.94 8.80 0.90
N ALA A 205 19.86 9.11 1.60
CA ALA A 205 19.45 10.49 1.81
C ALA A 205 20.52 11.27 2.57
N ASN A 206 21.16 10.60 3.52
CA ASN A 206 22.23 11.22 4.31
C ASN A 206 23.50 11.44 3.50
N CYS A 207 23.75 10.55 2.54
CA CYS A 207 24.88 10.72 1.63
C CYS A 207 24.67 11.90 0.68
N LEU A 208 23.44 12.05 0.20
CA LEU A 208 23.09 13.17 -0.66
C LEU A 208 23.09 14.50 0.11
N ARG A 209 22.68 14.44 1.37
CA ARG A 209 22.54 15.64 2.20
C ARG A 209 23.90 16.22 2.58
N LYS A 210 24.91 15.36 2.69
CA LYS A 210 26.27 15.80 3.00
C LYS A 210 26.89 16.55 1.81
N SER A 211 26.39 16.26 0.62
CA SER A 211 26.90 16.90 -0.59
C SER A 211 26.17 18.20 -0.88
N GLY A 212 25.24 18.56 0.00
CA GLY A 212 24.53 19.83 -0.10
C GLY A 212 23.22 19.73 -0.84
N LYS A 213 22.81 18.50 -1.15
CA LYS A 213 21.52 18.24 -1.78
C LYS A 213 20.39 18.32 -0.76
N ARG A 214 19.28 18.93 -1.16
CA ARG A 214 18.07 18.93 -0.35
C ARG A 214 17.24 17.69 -0.65
N VAL A 215 16.92 16.92 0.40
CA VAL A 215 16.28 15.63 0.23
C VAL A 215 14.98 15.53 1.03
N ILE A 216 13.94 15.03 0.37
CA ILE A 216 12.72 14.63 1.08
C ILE A 216 12.58 13.11 1.05
N GLN A 217 12.31 12.53 2.21
CA GLN A 217 12.13 11.10 2.35
C GLN A 217 10.64 10.75 2.39
N LEU A 218 10.27 9.70 1.66
CA LEU A 218 8.89 9.22 1.67
C LEU A 218 8.84 7.74 2.00
N SER A 219 8.00 7.39 2.97
CA SER A 219 7.57 6.01 3.16
C SER A 219 6.09 5.96 3.49
N ARG A 220 5.56 4.75 3.65
CA ARG A 220 4.13 4.57 3.89
C ARG A 220 3.62 5.38 5.07
N LYS A 221 4.41 5.45 6.13
CA LYS A 221 3.97 6.05 7.38
C LYS A 221 4.15 7.56 7.38
N THR A 222 5.05 8.07 6.55
CA THR A 222 5.34 9.50 6.51
C THR A 222 4.82 10.16 5.23
N PHE A 223 4.28 9.35 4.33
CA PHE A 223 3.80 9.84 3.04
C PHE A 223 2.80 10.99 3.21
N ASP A 224 1.79 10.78 4.03
CA ASP A 224 0.70 11.75 4.15
C ASP A 224 1.17 13.12 4.63
N THR A 225 2.31 13.15 5.30
CA THR A 225 2.84 14.39 5.84
CA THR A 225 2.84 14.39 5.85
C THR A 225 4.02 14.93 5.05
N GLU A 226 4.77 14.04 4.41
CA GLU A 226 5.98 14.43 3.68
C GLU A 226 5.71 14.74 2.20
N TYR A 227 4.82 13.95 1.59
CA TYR A 227 4.51 14.09 0.16
C TYR A 227 4.17 15.52 -0.24
N PRO A 228 3.32 16.20 0.55
CA PRO A 228 2.95 17.59 0.28
C PRO A 228 4.15 18.52 0.14
N LYS A 229 5.23 18.21 0.85
CA LYS A 229 6.43 19.04 0.82
C LYS A 229 7.12 18.99 -0.54
N THR A 230 6.91 17.88 -1.27
CA THR A 230 7.50 17.71 -2.59
C THR A 230 6.83 18.61 -3.64
N LYS A 231 5.62 19.07 -3.32
CA LYS A 231 4.87 19.91 -4.24
C LYS A 231 5.50 21.29 -4.39
N LEU A 232 6.43 21.61 -3.50
CA LEU A 232 7.25 22.80 -3.63
C LEU A 232 8.42 22.55 -4.59
N THR A 233 9.21 23.59 -4.83
CA THR A 233 10.41 23.47 -5.66
C THR A 233 11.67 23.44 -4.79
N ASP A 234 11.47 23.39 -3.48
CA ASP A 234 12.53 23.61 -2.52
C ASP A 234 13.31 22.33 -2.23
N TRP A 235 13.43 21.47 -3.24
CA TRP A 235 14.11 20.19 -3.07
C TRP A 235 14.86 19.74 -4.32
N ASP A 236 15.81 18.82 -4.13
CA ASP A 236 16.64 18.33 -5.23
C ASP A 236 16.40 16.84 -5.47
N PHE A 237 16.30 16.08 -4.38
CA PHE A 237 16.04 14.65 -4.46
C PHE A 237 14.82 14.28 -3.63
N VAL A 238 13.99 13.40 -4.18
CA VAL A 238 13.08 12.60 -3.37
C VAL A 238 13.60 11.18 -3.25
N VAL A 239 13.75 10.70 -2.02
CA VAL A 239 14.14 9.31 -1.77
C VAL A 239 12.96 8.54 -1.17
N THR A 240 12.36 7.68 -1.98
CA THR A 240 11.07 7.10 -1.65
C THR A 240 11.10 5.57 -1.67
N THR A 241 10.27 4.96 -0.84
CA THR A 241 9.92 3.55 -1.02
C THR A 241 8.85 3.41 -2.11
N ASP A 242 8.34 2.20 -2.27
CA ASP A 242 7.42 1.86 -3.36
C ASP A 242 6.05 2.53 -3.21
N ILE A 243 5.82 3.20 -2.08
CA ILE A 243 4.56 3.90 -1.86
C ILE A 243 4.26 4.94 -2.94
N SER A 244 5.32 5.50 -3.54
CA SER A 244 5.17 6.54 -4.56
C SER A 244 4.73 5.97 -5.91
N GLU A 245 4.68 4.64 -6.01
CA GLU A 245 4.15 3.98 -7.19
C GLU A 245 2.64 4.22 -7.34
N MET A 246 1.99 4.60 -6.24
CA MET A 246 0.54 4.74 -6.24
C MET A 246 0.10 6.19 -6.48
N GLY A 247 0.15 6.61 -7.73
CA GLY A 247 -0.47 7.86 -8.15
C GLY A 247 0.22 9.12 -7.66
N ALA A 248 1.44 8.99 -7.16
CA ALA A 248 2.20 10.15 -6.72
C ALA A 248 2.64 11.01 -7.91
N ASN A 249 2.25 12.29 -7.89
CA ASN A 249 2.62 13.22 -8.93
C ASN A 249 3.80 14.09 -8.54
N PHE A 250 4.89 13.99 -9.30
CA PHE A 250 6.08 14.79 -9.07
C PHE A 250 6.37 15.66 -10.30
N ARG A 251 6.94 16.84 -10.06
CA ARG A 251 7.53 17.63 -11.14
C ARG A 251 9.04 17.45 -11.19
N ALA A 252 9.47 16.35 -11.80
CA ALA A 252 10.87 15.96 -11.77
C ALA A 252 11.36 15.60 -13.18
N GLY A 253 12.68 15.52 -13.34
CA GLY A 253 13.26 15.20 -14.64
C GLY A 253 13.85 13.81 -14.72
N ARG A 254 14.13 13.22 -13.57
CA ARG A 254 14.85 11.94 -13.52
C ARG A 254 14.30 10.99 -12.46
N VAL A 255 14.22 9.72 -12.81
CA VAL A 255 14.05 8.66 -11.81
C VAL A 255 15.30 7.79 -11.74
N ILE A 256 15.75 7.53 -10.51
CA ILE A 256 16.78 6.51 -10.26
C ILE A 256 16.16 5.28 -9.60
N ASP A 257 16.42 4.11 -10.17
CA ASP A 257 15.68 2.90 -9.84
C ASP A 257 16.55 1.65 -9.98
N PRO A 258 17.20 1.23 -8.88
CA PRO A 258 17.90 -0.05 -8.89
C PRO A 258 16.93 -1.22 -8.85
N ARG A 259 15.63 -0.93 -8.95
CA ARG A 259 14.62 -1.96 -9.12
C ARG A 259 14.71 -3.04 -8.04
N ARG A 260 14.78 -2.59 -6.79
CA ARG A 260 14.85 -3.49 -5.65
C ARG A 260 13.77 -3.17 -4.62
N CYS A 261 13.26 -4.22 -3.99
CA CYS A 261 12.27 -4.07 -2.92
C CYS A 261 12.46 -5.16 -1.89
N LEU A 262 11.97 -4.93 -0.68
CA LEU A 262 11.79 -5.99 0.30
C LEU A 262 10.41 -6.62 0.15
N LYS A 263 10.33 -7.93 0.37
CA LYS A 263 9.09 -8.66 0.21
C LYS A 263 8.83 -9.51 1.44
N PRO A 264 7.73 -9.24 2.15
CA PRO A 264 7.32 -10.09 3.27
C PRO A 264 6.88 -11.47 2.80
N VAL A 265 7.42 -12.50 3.44
CA VAL A 265 7.08 -13.89 3.11
C VAL A 265 6.75 -14.64 4.39
N ILE A 266 5.62 -15.34 4.38
CA ILE A 266 5.30 -16.27 5.46
C ILE A 266 6.01 -17.60 5.23
N LEU A 267 7.01 -17.87 6.06
CA LEU A 267 7.68 -19.17 6.05
C LEU A 267 6.84 -20.20 6.79
N THR A 268 6.79 -21.42 6.25
CA THR A 268 5.95 -22.47 6.81
C THR A 268 6.76 -23.73 7.11
N ASP A 269 8.08 -23.63 6.92
CA ASP A 269 9.00 -24.68 7.35
C ASP A 269 9.22 -24.63 8.86
N GLY A 270 8.45 -25.42 9.60
CA GLY A 270 8.44 -25.34 11.05
C GLY A 270 7.58 -24.18 11.54
N PRO A 271 8.04 -23.50 12.60
CA PRO A 271 7.31 -22.40 13.23
C PRO A 271 7.05 -21.26 12.26
N GLU A 272 5.78 -20.94 12.05
CA GLU A 272 5.38 -19.98 11.04
C GLU A 272 5.77 -18.56 11.44
N ARG A 273 6.44 -17.86 10.52
CA ARG A 273 6.92 -16.51 10.76
C ARG A 273 6.93 -15.70 9.47
N VAL A 274 6.92 -14.38 9.61
CA VAL A 274 7.10 -13.49 8.47
C VAL A 274 8.51 -12.91 8.44
N ILE A 275 9.24 -13.18 7.36
CA ILE A 275 10.51 -12.52 7.09
C ILE A 275 10.34 -11.46 6.03
N LEU A 276 11.29 -10.53 5.97
CA LEU A 276 11.41 -9.62 4.84
C LEU A 276 12.57 -10.07 3.95
N ALA A 277 12.22 -10.71 2.83
CA ALA A 277 13.23 -11.23 1.90
C ALA A 277 13.75 -10.13 0.98
N GLY A 278 15.03 -10.20 0.65
CA GLY A 278 15.64 -9.25 -0.27
C GLY A 278 16.77 -8.46 0.35
N PRO A 279 17.12 -7.32 -0.26
CA PRO A 279 16.41 -6.77 -1.43
C PRO A 279 16.33 -7.74 -2.60
N ILE A 280 15.15 -7.83 -3.20
CA ILE A 280 14.96 -8.60 -4.43
C ILE A 280 14.49 -7.68 -5.57
N PRO A 281 14.56 -8.16 -6.82
CA PRO A 281 14.05 -7.41 -7.96
C PRO A 281 12.55 -7.13 -7.85
N VAL A 282 12.14 -5.95 -8.29
CA VAL A 282 10.73 -5.59 -8.36
C VAL A 282 10.01 -6.30 -9.50
N THR A 283 8.70 -6.33 -9.45
CA THR A 283 7.85 -6.73 -10.58
CA THR A 283 7.86 -6.67 -10.60
C THR A 283 7.95 -5.77 -11.80
N PRO A 284 7.64 -6.27 -12.97
CA PRO A 284 7.54 -5.38 -14.13
C PRO A 284 6.54 -4.25 -13.91
N ALA A 285 5.43 -4.55 -13.25
CA ALA A 285 4.41 -3.54 -12.95
C ALA A 285 4.97 -2.42 -12.08
N SER A 286 5.72 -2.79 -11.05
CA SER A 286 6.36 -1.81 -10.18
CA SER A 286 6.37 -1.82 -10.17
C SER A 286 7.39 -0.97 -10.93
N ALA A 287 8.22 -1.63 -11.75
CA ALA A 287 9.24 -0.93 -12.52
C ALA A 287 8.63 0.09 -13.49
N ALA A 288 7.55 -0.30 -14.15
CA ALA A 288 6.79 0.59 -15.03
C ALA A 288 6.21 1.78 -14.27
N GLN A 289 5.66 1.51 -13.08
CA GLN A 289 5.08 2.57 -12.25
C GLN A 289 6.14 3.54 -11.70
N ARG A 290 7.33 3.02 -11.41
CA ARG A 290 8.44 3.86 -10.97
C ARG A 290 8.96 4.75 -12.10
N ARG A 291 9.26 4.12 -13.23
CA ARG A 291 9.58 4.83 -14.47
C ARG A 291 8.50 5.87 -14.80
N GLY A 292 7.25 5.53 -14.54
CA GLY A 292 6.12 6.34 -14.98
C GLY A 292 5.93 7.62 -14.19
N ARG A 293 6.77 7.83 -13.17
CA ARG A 293 6.77 9.08 -12.42
C ARG A 293 7.28 10.24 -13.27
N ILE A 294 8.05 9.92 -14.30
CA ILE A 294 8.58 10.94 -15.20
C ILE A 294 8.13 10.73 -16.65
N GLY A 295 8.49 11.67 -17.52
CA GLY A 295 7.94 11.72 -18.87
C GLY A 295 6.46 12.09 -18.90
N ARG A 296 6.04 12.86 -17.91
CA ARG A 296 4.63 13.16 -17.71
C ARG A 296 4.25 14.45 -18.42
N ASN A 297 5.25 15.29 -18.68
CA ASN A 297 5.02 16.64 -19.16
C ASN A 297 5.35 16.78 -20.65
N PRO A 298 4.31 16.94 -21.49
CA PRO A 298 4.49 17.15 -22.92
C PRO A 298 5.47 18.27 -23.25
N ALA A 299 5.64 19.20 -22.32
CA ALA A 299 6.50 20.36 -22.55
C ALA A 299 7.97 20.07 -22.21
N GLN A 300 8.20 18.92 -21.59
CA GLN A 300 9.51 18.60 -21.01
C GLN A 300 10.01 17.27 -21.54
N GLU A 301 11.02 17.32 -22.40
CA GLU A 301 11.22 16.27 -23.39
C GLU A 301 12.42 15.35 -23.13
N ASP A 302 13.27 15.73 -22.18
CA ASP A 302 14.48 14.96 -21.90
C ASP A 302 14.52 14.37 -20.49
N ASP A 303 13.38 13.89 -20.01
CA ASP A 303 13.34 13.15 -18.75
C ASP A 303 14.14 11.86 -18.84
N GLN A 304 14.70 11.43 -17.73
CA GLN A 304 15.54 10.24 -17.69
C GLN A 304 14.98 9.18 -16.74
N TYR A 305 15.03 7.93 -17.18
CA TYR A 305 14.85 6.80 -16.27
C TYR A 305 16.15 5.99 -16.16
N VAL A 306 16.84 6.14 -15.02
CA VAL A 306 18.10 5.44 -14.81
C VAL A 306 17.87 4.23 -13.90
N PHE A 307 18.25 3.05 -14.39
CA PHE A 307 17.83 1.80 -13.76
C PHE A 307 18.94 0.76 -13.80
N SER A 308 18.71 -0.35 -13.09
CA SER A 308 19.69 -1.41 -12.96
C SER A 308 18.97 -2.72 -12.65
N GLY A 309 19.29 -3.76 -13.41
CA GLY A 309 18.71 -5.08 -13.20
C GLY A 309 17.40 -5.25 -13.96
N ASP A 310 17.00 -6.51 -14.14
CA ASP A 310 15.69 -6.82 -14.72
C ASP A 310 14.67 -7.12 -13.63
N PRO A 311 13.38 -6.91 -13.93
CA PRO A 311 12.31 -7.26 -13.01
C PRO A 311 12.16 -8.75 -12.82
N LEU A 312 11.45 -9.14 -11.76
CA LEU A 312 11.04 -10.53 -11.57
C LEU A 312 9.52 -10.60 -11.38
N ARG A 313 8.84 -11.30 -12.29
CA ARG A 313 7.39 -11.27 -12.34
C ARG A 313 6.76 -12.10 -11.23
N ASN A 314 7.43 -13.19 -10.86
CA ASN A 314 6.87 -14.15 -9.90
C ASN A 314 6.91 -13.64 -8.47
N ASP A 315 5.78 -13.12 -8.00
CA ASP A 315 5.65 -12.66 -6.62
C ASP A 315 4.64 -13.51 -5.85
N GLU A 316 4.60 -14.81 -6.16
CA GLU A 316 3.56 -15.70 -5.67
C GLU A 316 3.70 -16.01 -4.17
N ASP A 317 4.90 -15.83 -3.64
CA ASP A 317 5.16 -16.11 -2.24
C ASP A 317 5.02 -14.88 -1.33
N HIS A 318 4.66 -13.75 -1.93
CA HIS A 318 4.42 -12.51 -1.19
C HIS A 318 3.31 -12.71 -0.15
N ALA A 319 3.58 -12.30 1.09
CA ALA A 319 2.64 -12.49 2.18
C ALA A 319 1.30 -11.82 1.92
N HIS A 320 1.31 -10.76 1.10
CA HIS A 320 0.13 -9.94 0.90
C HIS A 320 -1.06 -10.68 0.27
N TRP A 321 -0.77 -11.76 -0.46
CA TRP A 321 -1.83 -12.57 -1.07
C TRP A 321 -2.60 -13.35 -0.01
N THR A 322 -1.87 -13.97 0.91
CA THR A 322 -2.47 -14.62 2.07
C THR A 322 -3.20 -13.63 2.98
N GLU A 323 -2.58 -12.48 3.22
CA GLU A 323 -3.13 -11.50 4.15
C GLU A 323 -4.43 -10.88 3.65
N ALA A 324 -4.52 -10.66 2.34
CA ALA A 324 -5.76 -10.23 1.71
C ALA A 324 -6.90 -11.23 1.93
N LYS A 325 -6.57 -12.52 1.89
CA LYS A 325 -7.54 -13.57 2.11
CA LYS A 325 -7.54 -13.57 2.11
C LYS A 325 -8.00 -13.61 3.57
N MET A 326 -7.07 -13.36 4.48
CA MET A 326 -7.39 -13.25 5.90
C MET A 326 -8.42 -12.15 6.17
N LEU A 327 -8.24 -11.00 5.52
CA LEU A 327 -9.22 -9.92 5.59
C LEU A 327 -10.55 -10.32 4.96
N LEU A 328 -10.50 -10.84 3.74
CA LEU A 328 -11.70 -11.17 2.97
C LEU A 328 -12.55 -12.26 3.64
N ASP A 329 -11.89 -13.28 4.19
CA ASP A 329 -12.59 -14.37 4.85
C ASP A 329 -13.40 -13.87 6.05
N ASN A 330 -13.13 -12.64 6.46
CA ASN A 330 -13.78 -12.06 7.65
C ASN A 330 -14.67 -10.87 7.31
N ILE A 331 -14.82 -10.59 6.02
CA ILE A 331 -15.85 -9.69 5.54
C ILE A 331 -17.08 -10.46 5.10
N TYR A 332 -18.23 -10.10 5.65
CA TYR A 332 -19.41 -10.94 5.54
C TYR A 332 -20.15 -10.76 4.23
N THR A 333 -20.62 -11.88 3.68
CA THR A 333 -21.40 -11.89 2.45
C THR A 333 -22.64 -12.74 2.66
N PRO A 334 -23.62 -12.62 1.74
CA PRO A 334 -24.80 -13.49 1.76
C PRO A 334 -24.43 -14.96 1.59
N GLU A 335 -25.34 -15.85 1.97
CA GLU A 335 -25.18 -17.27 1.71
C GLU A 335 -25.93 -17.67 0.43
N GLY A 336 -25.23 -18.33 -0.49
CA GLY A 336 -23.88 -18.81 -0.24
C GLY A 336 -22.86 -18.25 -1.21
N ILE A 337 -22.61 -16.94 -1.11
CA ILE A 337 -21.50 -16.32 -1.83
C ILE A 337 -20.19 -16.50 -1.07
N ILE A 338 -19.21 -17.10 -1.75
CA ILE A 338 -17.90 -17.33 -1.14
C ILE A 338 -16.92 -16.22 -1.50
N PRO A 339 -16.31 -15.60 -0.48
CA PRO A 339 -15.27 -14.58 -0.67
C PRO A 339 -14.12 -15.08 -1.54
N THR A 340 -13.62 -14.21 -2.42
CA THR A 340 -12.61 -14.59 -3.39
C THR A 340 -11.85 -13.35 -3.87
N LEU A 341 -10.56 -13.52 -4.11
CA LEU A 341 -9.73 -12.46 -4.66
C LEU A 341 -10.07 -12.20 -6.13
N PHE A 342 -9.70 -11.02 -6.61
CA PHE A 342 -10.12 -10.56 -7.94
C PHE A 342 -9.24 -11.12 -9.05
N GLY A 343 -9.87 -11.65 -10.09
CA GLY A 343 -9.18 -11.98 -11.34
C GLY A 343 -7.95 -12.85 -11.12
N PRO A 344 -6.82 -12.45 -11.74
CA PRO A 344 -5.59 -13.24 -11.72
C PRO A 344 -4.90 -13.24 -10.36
N GLU A 345 -5.24 -12.26 -9.50
CA GLU A 345 -4.74 -12.25 -8.14
C GLU A 345 -5.28 -13.42 -7.33
N ARG A 346 -6.38 -13.98 -7.80
CA ARG A 346 -6.96 -15.20 -7.23
C ARG A 346 -6.04 -16.40 -7.43
N GLU A 347 -5.12 -16.29 -8.39
CA GLU A 347 -4.30 -17.42 -8.79
C GLU A 347 -2.89 -17.35 -8.19
N LYS A 348 -2.66 -16.34 -7.36
CA LYS A 348 -1.35 -16.19 -6.70
C LYS A 348 -1.09 -17.33 -5.73
N THR A 349 -2.03 -17.55 -4.80
CA THR A 349 -1.94 -18.66 -3.86
C THR A 349 -3.17 -19.55 -3.96
N GLN A 350 -3.09 -20.75 -3.39
CA GLN A 350 -4.22 -21.69 -3.43
C GLN A 350 -5.32 -21.26 -2.47
N ALA A 351 -6.53 -21.06 -3.01
CA ALA A 351 -7.68 -20.72 -2.20
C ALA A 351 -8.17 -21.92 -1.40
N ILE A 352 -8.44 -21.69 -0.12
CA ILE A 352 -9.16 -22.66 0.71
C ILE A 352 -10.36 -22.00 1.38
N ASP A 353 -11.56 -22.46 1.00
CA ASP A 353 -12.81 -21.81 1.38
C ASP A 353 -12.94 -21.70 2.90
N GLY A 354 -13.03 -20.46 3.39
CA GLY A 354 -13.33 -20.21 4.79
C GLY A 354 -12.13 -20.41 5.70
N GLU A 355 -10.95 -20.51 5.09
CA GLU A 355 -9.73 -20.88 5.81
C GLU A 355 -9.44 -19.95 6.99
N PHE A 356 -9.75 -18.66 6.81
CA PHE A 356 -9.35 -17.65 7.79
C PHE A 356 -10.53 -16.99 8.49
N ARG A 357 -11.72 -17.52 8.27
CA ARG A 357 -12.93 -17.00 8.92
C ARG A 357 -12.87 -17.15 10.44
N LEU A 358 -12.93 -16.03 11.14
CA LEU A 358 -12.97 -16.03 12.60
C LEU A 358 -14.38 -15.74 13.11
N LYS A 359 -14.65 -16.15 14.34
CA LYS A 359 -15.97 -15.96 14.93
C LYS A 359 -15.90 -15.10 16.19
N GLY A 360 -17.03 -14.53 16.56
CA GLY A 360 -17.22 -13.95 17.90
C GLY A 360 -16.20 -12.90 18.25
N GLU A 361 -15.56 -13.07 19.40
CA GLU A 361 -14.61 -12.09 19.91
C GLU A 361 -13.24 -12.23 19.23
N GLN A 362 -12.94 -13.44 18.75
CA GLN A 362 -11.71 -13.67 18.01
C GLN A 362 -11.63 -12.78 16.77
N ARG A 363 -12.75 -12.63 16.08
CA ARG A 363 -12.82 -11.77 14.90
C ARG A 363 -12.73 -10.29 15.28
N LYS A 364 -13.49 -9.89 16.29
CA LYS A 364 -13.43 -8.52 16.79
C LYS A 364 -12.01 -8.14 17.20
N THR A 365 -11.33 -9.06 17.87
CA THR A 365 -9.95 -8.84 18.29
C THR A 365 -9.02 -8.70 17.08
N PHE A 366 -9.20 -9.57 16.09
CA PHE A 366 -8.43 -9.53 14.86
C PHE A 366 -8.45 -8.14 14.24
N VAL A 367 -9.65 -7.58 14.11
CA VAL A 367 -9.83 -6.24 13.54
C VAL A 367 -9.16 -5.17 14.39
N GLU A 368 -9.28 -5.31 15.72
CA GLU A 368 -8.78 -4.31 16.64
C GLU A 368 -7.25 -4.27 16.67
N LEU A 369 -6.64 -5.45 16.52
CA LEU A 369 -5.19 -5.54 16.47
C LEU A 369 -4.61 -4.78 15.28
N MET A 370 -5.32 -4.81 14.16
CA MET A 370 -4.90 -4.08 12.96
C MET A 370 -5.21 -2.60 13.07
N ARG A 371 -6.42 -2.29 13.53
CA ARG A 371 -6.89 -0.93 13.64
C ARG A 371 -6.17 -0.17 14.75
N ARG A 372 -6.31 -0.65 15.98
CA ARG A 372 -5.78 0.06 17.14
CA ARG A 372 -5.78 0.05 17.14
C ARG A 372 -4.29 -0.21 17.32
N GLY A 373 -3.89 -1.47 17.22
CA GLY A 373 -2.52 -1.87 17.48
C GLY A 373 -1.59 -1.64 16.30
N ASP A 374 -2.16 -1.26 15.16
CA ASP A 374 -1.40 -1.12 13.92
CA ASP A 374 -1.43 -1.16 13.89
C ASP A 374 -0.43 -2.29 13.69
N LEU A 375 -0.92 -3.51 13.88
CA LEU A 375 -0.13 -4.70 13.60
C LEU A 375 -0.42 -5.23 12.20
N PRO A 376 0.58 -5.86 11.57
CA PRO A 376 0.39 -6.54 10.28
C PRO A 376 -0.75 -7.55 10.33
N VAL A 377 -1.34 -7.84 9.17
CA VAL A 377 -2.50 -8.72 9.10
C VAL A 377 -2.20 -10.12 9.64
N TRP A 378 -1.10 -10.72 9.18
CA TRP A 378 -0.71 -12.07 9.62
C TRP A 378 -0.51 -12.13 11.14
N LEU A 379 0.17 -11.13 11.68
CA LEU A 379 0.45 -11.09 13.11
C LEU A 379 -0.84 -10.99 13.91
N SER A 380 -1.75 -10.11 13.46
CA SER A 380 -3.07 -9.96 14.07
C SER A 380 -3.89 -11.24 14.02
N TYR A 381 -3.84 -11.92 12.87
CA TYR A 381 -4.55 -13.19 12.73
C TYR A 381 -4.00 -14.23 13.70
N LYS A 382 -2.68 -14.32 13.79
CA LYS A 382 -2.03 -15.27 14.67
C LYS A 382 -2.46 -15.06 16.12
N VAL A 383 -2.43 -13.81 16.58
CA VAL A 383 -2.79 -13.48 17.95
C VAL A 383 -4.29 -13.69 18.22
N ALA A 384 -5.12 -13.26 17.28
CA ALA A 384 -6.57 -13.31 17.45
C ALA A 384 -7.10 -14.74 17.47
N SER A 385 -6.54 -15.60 16.62
CA SER A 385 -7.01 -16.98 16.50
C SER A 385 -6.46 -17.88 17.61
N ALA A 386 -5.59 -17.32 18.45
CA ALA A 386 -5.13 -18.01 19.65
C ALA A 386 -6.02 -17.69 20.85
N GLY A 387 -7.06 -16.89 20.62
CA GLY A 387 -8.02 -16.57 21.66
C GLY A 387 -7.52 -15.49 22.60
N ILE A 388 -6.50 -14.75 22.17
CA ILE A 388 -5.91 -13.69 22.97
C ILE A 388 -6.68 -12.38 22.81
N SER A 389 -7.01 -11.75 23.93
CA SER A 389 -7.69 -10.46 23.92
C SER A 389 -6.77 -9.34 23.45
N TYR A 390 -7.36 -8.26 22.96
CA TYR A 390 -6.60 -7.12 22.48
C TYR A 390 -5.61 -6.59 23.52
N LYS A 391 -6.09 -6.43 24.75
CA LYS A 391 -5.32 -5.74 25.78
C LYS A 391 -4.31 -6.65 26.47
N ASP A 392 -4.33 -7.92 26.10
CA ASP A 392 -3.43 -8.92 26.69
C ASP A 392 -2.10 -8.98 25.94
N ARG A 393 -1.06 -8.43 26.55
CA ARG A 393 0.22 -8.23 25.86
C ARG A 393 1.26 -9.27 26.24
N GLU A 394 0.83 -10.33 26.93
CA GLU A 394 1.77 -11.33 27.43
C GLU A 394 2.49 -12.06 26.30
N TRP A 395 1.80 -12.25 25.19
CA TRP A 395 2.38 -12.91 24.02
C TRP A 395 3.63 -12.21 23.48
N CYS A 396 3.73 -10.91 23.71
CA CYS A 396 4.90 -10.13 23.34
C CYS A 396 6.19 -10.61 24.03
N PHE A 397 6.05 -11.46 25.04
CA PHE A 397 7.17 -11.76 25.95
C PHE A 397 7.45 -13.26 26.12
N THR A 398 6.61 -14.10 25.53
CA THR A 398 6.66 -15.53 25.82
C THR A 398 7.14 -16.37 24.64
N GLY A 399 7.76 -15.71 23.67
CA GLY A 399 8.32 -16.40 22.51
C GLY A 399 9.56 -17.22 22.84
N GLU A 400 10.00 -18.02 21.86
CA GLU A 400 11.22 -18.81 22.00
C GLU A 400 12.46 -17.92 21.88
N ARG A 401 13.61 -18.47 22.25
CA ARG A 401 14.84 -17.69 22.35
C ARG A 401 15.18 -17.00 21.02
N ASN A 402 14.92 -17.69 19.93
CA ASN A 402 15.22 -17.17 18.59
C ASN A 402 14.32 -16.01 18.20
N ASN A 403 13.28 -15.78 18.99
CA ASN A 403 12.35 -14.69 18.73
C ASN A 403 12.70 -13.41 19.47
N GLN A 404 13.80 -13.44 20.22
CA GLN A 404 14.28 -12.26 20.93
C GLN A 404 14.64 -11.15 19.95
N ILE A 405 14.09 -9.97 20.19
CA ILE A 405 14.29 -8.84 19.29
C ILE A 405 15.49 -8.01 19.74
N LEU A 406 16.34 -7.64 18.77
CA LEU A 406 17.56 -6.92 19.08
C LEU A 406 17.52 -5.50 18.49
N GLU A 407 18.07 -4.55 19.23
CA GLU A 407 18.32 -3.22 18.70
C GLU A 407 19.78 -2.82 18.95
N GLU A 408 20.52 -2.59 17.87
CA GLU A 408 21.96 -2.35 17.95
C GLU A 408 22.69 -3.46 18.70
N ASN A 409 22.43 -4.69 18.29
CA ASN A 409 23.11 -5.86 18.84
C ASN A 409 22.66 -6.23 20.25
N MET A 410 22.02 -5.27 20.93
CA MET A 410 21.60 -5.46 22.32
C MET A 410 20.16 -5.97 22.40
N GLU A 411 19.87 -6.75 23.44
CA GLU A 411 18.54 -7.30 23.65
C GLU A 411 17.56 -6.22 24.11
N VAL A 412 16.49 -6.04 23.34
CA VAL A 412 15.46 -5.06 23.67
C VAL A 412 14.67 -5.48 24.90
N GLU A 413 14.62 -4.59 25.89
CA GLU A 413 13.84 -4.81 27.10
C GLU A 413 12.78 -3.73 27.27
N ILE A 414 11.63 -4.13 27.84
CA ILE A 414 10.45 -3.29 27.84
C ILE A 414 9.91 -3.14 29.26
N TRP A 415 9.60 -1.91 29.64
CA TRP A 415 8.76 -1.67 30.81
C TRP A 415 7.28 -1.74 30.44
N THR A 416 6.58 -2.69 31.07
CA THR A 416 5.19 -2.97 30.71
C THR A 416 4.22 -2.03 31.42
N ARG A 417 2.97 -2.05 30.98
CA ARG A 417 1.89 -1.30 31.62
C ARG A 417 1.92 -1.44 33.15
N GLU A 418 2.23 -2.64 33.62
CA GLU A 418 2.07 -2.98 35.03
C GLU A 418 3.32 -2.69 35.84
N GLY A 419 4.30 -2.05 35.21
CA GLY A 419 5.55 -1.71 35.88
C GLY A 419 6.48 -2.90 36.00
N GLU A 420 6.52 -3.71 34.95
CA GLU A 420 7.43 -4.85 34.89
C GLU A 420 8.43 -4.66 33.76
N LYS A 421 9.64 -5.20 33.93
CA LYS A 421 10.65 -5.16 32.89
CA LYS A 421 10.67 -5.15 32.90
C LYS A 421 10.82 -6.53 32.24
N LYS A 422 10.50 -6.61 30.95
CA LYS A 422 10.52 -7.86 30.22
C LYS A 422 11.28 -7.75 28.91
N LYS A 423 12.01 -8.79 28.56
CA LYS A 423 12.67 -8.88 27.26
C LYS A 423 11.62 -9.03 26.16
N LEU A 424 11.70 -8.18 25.15
CA LEU A 424 10.81 -8.24 23.99
C LEU A 424 11.08 -9.50 23.18
N ARG A 425 10.16 -10.47 23.27
CA ARG A 425 10.37 -11.79 22.70
C ARG A 425 9.03 -12.41 22.26
N PRO A 426 8.49 -11.95 21.13
CA PRO A 426 7.09 -12.27 20.78
C PRO A 426 6.91 -13.74 20.39
N LYS A 427 5.78 -14.32 20.79
CA LYS A 427 5.45 -15.70 20.45
C LYS A 427 5.35 -15.90 18.94
N TRP A 428 4.90 -14.86 18.24
CA TRP A 428 4.90 -14.85 16.78
C TRP A 428 5.80 -13.74 16.26
N LEU A 429 6.68 -14.09 15.32
CA LEU A 429 7.70 -13.16 14.86
C LEU A 429 7.40 -12.65 13.45
N ASP A 430 7.07 -11.36 13.36
CA ASP A 430 6.81 -10.71 12.09
C ASP A 430 7.85 -9.60 11.87
N ALA A 431 8.67 -9.78 10.83
CA ALA A 431 9.85 -8.94 10.63
C ALA A 431 9.50 -7.47 10.48
N ARG A 432 8.25 -7.19 10.11
CA ARG A 432 7.83 -5.83 9.80
C ARG A 432 7.70 -4.95 11.04
N VAL A 433 7.55 -5.58 12.20
CA VAL A 433 7.40 -4.82 13.44
C VAL A 433 8.73 -4.35 14.03
N TYR A 434 9.84 -4.77 13.42
CA TYR A 434 11.16 -4.29 13.80
C TYR A 434 12.07 -4.04 12.59
N ALA A 435 11.45 -3.81 11.44
CA ALA A 435 12.20 -3.63 10.19
C ALA A 435 12.93 -2.30 10.13
N ASP A 436 12.46 -1.32 10.89
CA ASP A 436 13.11 -0.01 10.96
CA ASP A 436 13.06 0.01 10.93
C ASP A 436 12.83 0.69 12.28
N PRO A 437 13.54 1.79 12.55
CA PRO A 437 13.44 2.52 13.81
C PRO A 437 11.98 2.81 14.22
N MET A 438 11.18 3.33 13.29
CA MET A 438 9.81 3.72 13.61
C MET A 438 8.92 2.51 13.87
N ALA A 439 9.12 1.45 13.08
CA ALA A 439 8.39 0.21 13.28
C ALA A 439 8.65 -0.35 14.67
N LEU A 440 9.92 -0.40 15.06
CA LEU A 440 10.31 -0.95 16.35
C LEU A 440 9.73 -0.12 17.49
N LYS A 441 9.83 1.20 17.38
CA LYS A 441 9.24 2.10 18.36
C LYS A 441 7.76 1.80 18.58
N ASP A 442 7.00 1.71 17.48
CA ASP A 442 5.58 1.42 17.53
C ASP A 442 5.30 0.09 18.23
N PHE A 443 6.02 -0.95 17.83
CA PHE A 443 5.83 -2.26 18.45
C PHE A 443 6.19 -2.24 19.94
N LYS A 444 7.19 -1.44 20.30
CA LYS A 444 7.55 -1.26 21.71
C LYS A 444 6.42 -0.61 22.50
N GLU A 445 5.77 0.39 21.89
CA GLU A 445 4.59 1.00 22.48
CA GLU A 445 4.59 1.00 22.48
C GLU A 445 3.48 -0.01 22.68
N PHE A 446 3.27 -0.86 21.68
CA PHE A 446 2.24 -1.90 21.77
C PHE A 446 2.56 -2.89 22.87
N ALA A 447 3.80 -3.40 22.89
CA ALA A 447 4.21 -4.42 23.85
C ALA A 447 4.11 -3.93 25.29
N SER A 448 4.32 -2.62 25.48
CA SER A 448 4.22 -2.01 26.80
C SER A 448 2.78 -1.63 27.14
N GLY A 449 1.86 -1.88 26.21
CA GLY A 449 0.44 -1.65 26.46
C GLY A 449 0.09 -0.18 26.58
N ARG A 450 0.75 0.65 25.79
CA ARG A 450 0.45 2.08 25.76
C ARG A 450 -0.49 2.42 24.61
N LYS A 451 -1.01 1.38 23.95
CA LYS A 451 -2.08 1.53 22.97
C LYS A 451 -2.87 0.24 22.85
MN MN B . -3.46 7.86 -11.66
PG ANP C . -0.90 7.18 -13.55
O1G ANP C . -1.20 6.00 -14.61
O2G ANP C . 0.68 7.10 -13.24
O3G ANP C . -1.72 7.06 -12.31
PB ANP C . -2.66 9.03 -14.82
O1B ANP C . -3.62 8.95 -13.54
O2B ANP C . -3.14 8.24 -15.96
N3B ANP C . -1.10 8.63 -14.33
PA ANP C . -3.06 11.82 -14.29
O1A ANP C . -2.63 11.58 -12.77
O2A ANP C . -4.52 12.01 -14.46
O3A ANP C . -2.52 10.60 -15.20
O5' ANP C . -2.22 13.10 -14.80
C5' ANP C . -2.30 13.48 -16.17
C4' ANP C . -1.44 14.71 -16.44
O4' ANP C . -1.73 15.73 -15.44
C3' ANP C . 0.03 14.34 -16.27
O3' ANP C . 0.80 15.04 -17.26
C2' ANP C . 0.37 14.89 -14.91
O2' ANP C . 1.77 15.22 -14.88
C1' ANP C . -0.47 16.15 -14.89
N9 ANP C . -0.72 16.62 -13.50
C8 ANP C . -1.05 15.86 -12.46
N7 ANP C . -1.22 16.66 -11.41
C5 ANP C . -1.04 17.92 -11.81
C6 ANP C . -1.10 19.07 -11.14
N6 ANP C . -1.41 18.99 -9.85
N1 ANP C . -0.87 20.25 -11.74
C2 ANP C . -0.56 20.26 -13.10
N3 ANP C . -0.49 19.04 -13.77
C4 ANP C . -0.73 17.89 -13.10
#